data_1P7B
#
_entry.id   1P7B
#
_cell.length_a   92.840
_cell.length_b   105.620
_cell.length_c   258.630
_cell.angle_alpha   90.00
_cell.angle_beta   90.00
_cell.angle_gamma   90.00
#
_symmetry.space_group_name_H-M   'I 2 2 2'
#
loop_
_entity.id
_entity.type
_entity.pdbx_description
1 polymer 'integral membrane channel and cytosolic domains'
2 non-polymer 'POTASSIUM ION'
3 water water
#
_entity_poly.entity_id   1
_entity_poly.type   'polypeptide(L)'
_entity_poly.pdbx_seq_one_letter_code
;MNVDPFSPHSSDSFAQAASPARKPPRGGRRIWSGTREVIAYGMPASVWRDLYYWALKVSWPVFFASLAALFVVNNTLFAL
LYQLGDAPIANQSPPGFVGAFFFSVETLATVGYGDMHPQTVYAHAIATLEIFVGMSGIALSTGLVFARFARPRAKIMFAR
HAIVRPFNGRMTLMVRAANARQNVIAEARAKMRLMRREHSSEGYSLMKIHDLKLVRNEHPIFLLGWNMMHVIDESSPLFG
ETPESLAEGRAMLLVMIEGSDETTAQVMQARHAWEHDDIRWHHRYVDLMSDVDGMTHIDYTRFNDTEPVEPPGAAPDAQA
FAAKPGEGDARPV
;
_entity_poly.pdbx_strand_id   A,B
#
loop_
_chem_comp.id
_chem_comp.type
_chem_comp.name
_chem_comp.formula
K non-polymer 'POTASSIUM ION' 'K 1'
#
# COMPACT_ATOMS: atom_id res chain seq x y z
N ARG A 36 9.26 5.60 9.82
CA ARG A 36 8.27 5.03 8.83
C ARG A 36 9.03 4.29 7.74
N GLU A 37 10.37 4.56 7.84
CA GLU A 37 11.50 4.17 7.01
C GLU A 37 12.73 3.76 7.92
N VAL A 38 13.82 3.31 7.30
CA VAL A 38 15.14 2.80 7.65
C VAL A 38 16.02 3.90 8.23
N ILE A 39 16.90 4.25 8.82
CA ILE A 39 17.64 5.18 9.67
C ILE A 39 17.22 6.63 9.42
N ALA A 40 16.78 7.26 10.56
CA ALA A 40 16.42 8.68 10.63
C ALA A 40 15.78 9.47 9.48
N TYR A 41 14.39 9.75 9.61
CA TYR A 41 13.52 10.53 8.73
C TYR A 41 12.83 11.70 9.29
N GLY A 42 12.82 12.78 8.60
CA GLY A 42 11.91 13.85 9.08
C GLY A 42 11.19 14.26 7.77
N MET A 43 9.83 13.90 7.53
CA MET A 43 8.87 14.22 6.46
C MET A 43 7.40 14.30 6.91
N PRO A 44 6.43 14.29 5.96
CA PRO A 44 4.99 14.36 6.27
C PRO A 44 4.39 13.02 6.56
N ALA A 45 3.42 12.99 7.47
CA ALA A 45 2.79 11.74 7.84
C ALA A 45 1.38 12.05 8.30
N SER A 46 0.68 11.03 8.79
CA SER A 46 -0.68 11.21 9.31
C SER A 46 -1.29 10.00 9.97
N VAL A 47 -1.32 10.08 11.29
CA VAL A 47 -1.86 9.07 12.19
C VAL A 47 -2.57 7.99 11.45
N TRP A 48 -3.73 8.34 10.93
CA TRP A 48 -4.56 7.43 10.17
C TRP A 48 -3.75 6.32 9.45
N ARG A 49 -3.17 6.59 8.27
CA ARG A 49 -2.42 5.56 7.55
C ARG A 49 -1.46 4.76 8.41
N ASP A 50 -0.72 5.48 9.23
CA ASP A 50 0.24 4.85 10.12
C ASP A 50 -0.49 3.75 10.81
N LEU A 51 -1.80 3.92 11.00
CA LEU A 51 -2.60 2.91 11.68
C LEU A 51 -2.77 1.66 10.81
N TYR A 52 -3.28 1.82 9.59
CA TYR A 52 -3.44 0.66 8.69
C TYR A 52 -2.15 -0.13 8.83
N TYR A 53 -1.03 0.56 8.75
CA TYR A 53 0.23 -0.10 8.88
C TYR A 53 0.10 -1.16 9.96
N TRP A 54 -0.03 -0.72 11.19
CA TRP A 54 -0.14 -1.70 12.27
C TRP A 54 -1.18 -2.73 11.98
N ALA A 55 -2.29 -2.29 11.45
CA ALA A 55 -3.33 -3.23 11.16
C ALA A 55 -2.79 -4.44 10.43
N LEU A 56 -2.03 -4.17 9.37
CA LEU A 56 -1.49 -5.24 8.57
C LEU A 56 -0.08 -5.70 8.94
N LYS A 57 0.47 -5.23 10.05
CA LYS A 57 1.78 -5.74 10.43
C LYS A 57 1.78 -6.49 11.75
N VAL A 58 0.73 -6.29 12.55
CA VAL A 58 0.66 -6.92 13.84
C VAL A 58 0.32 -8.36 13.81
N SER A 59 0.59 -9.04 14.90
CA SER A 59 0.28 -10.47 15.00
C SER A 59 -1.21 -10.69 15.07
N TRP A 60 -1.63 -11.85 14.60
CA TRP A 60 -3.04 -12.15 14.59
C TRP A 60 -3.78 -12.16 15.95
N PRO A 61 -3.06 -12.18 17.07
CA PRO A 61 -3.90 -12.16 18.24
C PRO A 61 -3.90 -10.70 18.55
N VAL A 62 -2.71 -10.13 18.61
CA VAL A 62 -2.67 -8.73 18.90
C VAL A 62 -3.66 -8.10 18.00
N PHE A 63 -3.91 -8.70 16.86
CA PHE A 63 -4.88 -8.10 15.98
C PHE A 63 -6.20 -8.15 16.73
N PHE A 64 -6.91 -9.26 16.58
CA PHE A 64 -8.21 -9.42 17.22
C PHE A 64 -8.32 -8.77 18.59
N ALA A 65 -7.25 -8.81 19.39
CA ALA A 65 -7.34 -8.15 20.68
C ALA A 65 -7.69 -6.74 20.28
N SER A 66 -6.81 -6.11 19.52
CA SER A 66 -7.03 -4.75 19.05
C SER A 66 -8.53 -4.53 18.81
N LEU A 67 -9.15 -5.31 17.93
CA LEU A 67 -10.56 -5.11 17.71
C LEU A 67 -11.26 -5.20 19.05
N ALA A 68 -11.24 -6.39 19.64
CA ALA A 68 -11.85 -6.59 20.93
C ALA A 68 -11.80 -5.28 21.70
N ALA A 69 -10.61 -4.89 22.15
CA ALA A 69 -10.43 -3.65 22.91
C ALA A 69 -11.31 -2.55 22.30
N LEU A 70 -11.29 -2.43 20.98
CA LEU A 70 -12.10 -1.42 20.31
C LEU A 70 -13.58 -1.72 20.43
N PHE A 71 -13.96 -3.00 20.44
CA PHE A 71 -15.36 -3.40 20.56
C PHE A 71 -15.87 -2.83 21.84
N VAL A 72 -15.11 -3.10 22.90
CA VAL A 72 -15.42 -2.62 24.23
C VAL A 72 -15.55 -1.12 24.17
N VAL A 73 -14.46 -0.42 23.92
CA VAL A 73 -14.55 1.02 23.84
C VAL A 73 -15.73 1.49 23.01
N ASN A 74 -16.03 0.79 21.93
CA ASN A 74 -17.12 1.22 21.05
C ASN A 74 -18.51 0.82 21.58
N ASN A 75 -18.54 -0.05 22.58
CA ASN A 75 -19.79 -0.49 23.18
C ASN A 75 -20.16 0.46 24.31
N THR A 76 -19.13 0.96 24.99
CA THR A 76 -19.34 1.90 26.08
C THR A 76 -19.84 3.20 25.53
N LEU A 77 -19.04 3.82 24.69
CA LEU A 77 -19.41 5.10 24.14
C LEU A 77 -20.84 5.15 23.63
N PHE A 78 -21.41 4.01 23.31
CA PHE A 78 -22.78 4.04 22.85
C PHE A 78 -23.68 3.89 24.06
N ALA A 79 -23.21 3.14 25.05
CA ALA A 79 -24.00 2.95 26.27
C ALA A 79 -24.07 4.31 26.93
N LEU A 80 -22.93 4.89 27.25
CA LEU A 80 -22.89 6.21 27.86
C LEU A 80 -23.59 7.26 26.99
N LEU A 81 -24.23 6.84 25.91
CA LEU A 81 -24.95 7.77 25.04
C LEU A 81 -26.41 7.31 25.06
N TYR A 82 -26.71 6.35 25.93
CA TYR A 82 -28.03 5.81 26.12
C TYR A 82 -28.59 6.33 27.44
N GLN A 83 -27.75 6.34 28.47
CA GLN A 83 -28.13 6.83 29.81
C GLN A 83 -28.33 8.35 29.77
N LEU A 84 -28.54 8.86 28.57
CA LEU A 84 -28.78 10.28 28.35
C LEU A 84 -30.08 10.38 27.56
N GLY A 85 -30.26 11.49 26.84
CA GLY A 85 -31.44 11.67 26.02
C GLY A 85 -32.69 12.14 26.74
N ASP A 86 -33.86 11.88 26.14
CA ASP A 86 -35.15 12.29 26.70
C ASP A 86 -35.79 11.19 27.52
N ALA A 87 -35.27 9.97 27.42
CA ALA A 87 -35.84 8.85 28.16
C ALA A 87 -34.82 7.74 28.43
N PRO A 88 -35.18 6.76 29.30
CA PRO A 88 -34.33 5.62 29.66
C PRO A 88 -34.12 4.57 28.51
N ILE A 89 -33.37 3.51 28.80
CA ILE A 89 -33.08 2.50 27.80
C ILE A 89 -33.14 1.07 28.30
N ALA A 90 -32.18 0.70 29.14
CA ALA A 90 -32.01 -0.65 29.72
C ALA A 90 -33.18 -1.49 30.27
N ASN A 91 -34.26 -1.61 29.49
CA ASN A 91 -35.46 -2.39 29.87
C ASN A 91 -35.11 -3.87 30.00
N GLN A 92 -33.84 -4.12 30.25
CA GLN A 92 -33.38 -5.48 30.33
C GLN A 92 -32.79 -5.87 31.66
N SER A 93 -32.56 -7.16 31.79
CA SER A 93 -31.97 -7.74 32.97
C SER A 93 -31.08 -6.75 33.72
N PRO A 94 -30.04 -6.23 33.08
CA PRO A 94 -29.22 -5.30 33.87
C PRO A 94 -30.00 -4.05 34.24
N PRO A 95 -29.95 -3.65 35.52
CA PRO A 95 -30.63 -2.48 36.06
C PRO A 95 -30.41 -1.21 35.22
N GLY A 96 -29.14 -0.80 35.10
CA GLY A 96 -28.76 0.38 34.33
C GLY A 96 -27.63 0.08 33.34
N PHE A 97 -26.67 0.99 33.19
CA PHE A 97 -25.51 0.82 32.30
C PHE A 97 -25.30 -0.58 31.72
N VAL A 98 -24.94 -1.52 32.59
CA VAL A 98 -24.72 -2.90 32.18
C VAL A 98 -25.88 -3.43 31.35
N GLY A 99 -26.93 -2.65 31.24
CA GLY A 99 -28.06 -3.07 30.45
C GLY A 99 -27.84 -2.59 29.05
N ALA A 100 -27.83 -1.28 28.86
CA ALA A 100 -27.61 -0.70 27.55
C ALA A 100 -26.39 -1.38 26.91
N PHE A 101 -25.33 -1.57 27.71
CA PHE A 101 -24.12 -2.21 27.22
C PHE A 101 -24.53 -3.51 26.57
N PHE A 102 -24.95 -4.48 27.38
CA PHE A 102 -25.38 -5.74 26.84
C PHE A 102 -26.52 -5.57 25.83
N PHE A 103 -27.09 -4.37 25.78
CA PHE A 103 -28.13 -4.10 24.80
C PHE A 103 -27.28 -3.84 23.61
N SER A 104 -26.49 -2.76 23.71
CA SER A 104 -25.56 -2.35 22.66
C SER A 104 -24.93 -3.57 21.99
N VAL A 105 -24.20 -4.38 22.73
CA VAL A 105 -23.57 -5.56 22.18
C VAL A 105 -24.63 -6.47 21.54
N GLU A 106 -25.78 -5.92 21.24
CA GLU A 106 -26.81 -6.70 20.58
C GLU A 106 -27.15 -6.00 19.27
N THR A 107 -26.73 -4.75 19.16
CA THR A 107 -27.00 -3.96 17.96
C THR A 107 -25.74 -3.56 17.14
N LEU A 108 -24.73 -3.03 17.81
CA LEU A 108 -23.52 -2.65 17.12
C LEU A 108 -23.21 -3.85 16.27
N ALA A 109 -23.13 -5.02 16.87
CA ALA A 109 -22.81 -6.21 16.10
C ALA A 109 -24.00 -6.61 15.28
N THR A 110 -25.14 -6.06 15.65
CA THR A 110 -26.39 -6.35 14.97
C THR A 110 -26.82 -7.80 15.14
N VAL A 111 -27.28 -8.12 16.34
CA VAL A 111 -27.74 -9.47 16.60
C VAL A 111 -29.21 -9.43 16.97
N GLY A 112 -29.69 -8.22 17.30
CA GLY A 112 -31.09 -8.00 17.67
C GLY A 112 -31.81 -8.88 18.69
N TYR A 113 -31.05 -9.78 19.33
CA TYR A 113 -31.58 -10.73 20.30
C TYR A 113 -33.08 -10.70 20.59
N GLY A 114 -33.61 -9.64 21.19
CA GLY A 114 -35.05 -9.66 21.44
C GLY A 114 -35.74 -8.92 22.57
N ASP A 115 -35.12 -7.87 23.09
CA ASP A 115 -35.76 -7.07 24.11
C ASP A 115 -35.73 -5.69 23.52
N MET A 116 -36.78 -5.45 22.75
CA MET A 116 -36.99 -4.22 22.01
C MET A 116 -37.04 -2.91 22.75
N HIS A 117 -36.02 -2.09 22.57
CA HIS A 117 -36.04 -0.77 23.15
C HIS A 117 -36.17 0.24 22.02
N PRO A 118 -37.31 0.22 21.35
CA PRO A 118 -37.51 1.17 20.27
C PRO A 118 -38.55 2.12 20.87
N GLN A 119 -38.64 2.10 22.21
CA GLN A 119 -39.60 2.89 23.00
C GLN A 119 -39.80 4.37 22.67
N THR A 120 -38.70 5.10 22.49
CA THR A 120 -38.80 6.52 22.20
C THR A 120 -37.94 6.95 21.06
N VAL A 121 -38.26 8.08 20.46
CA VAL A 121 -37.47 8.54 19.33
C VAL A 121 -36.01 8.62 19.70
N TYR A 122 -35.61 9.62 20.50
CA TYR A 122 -34.20 9.72 20.86
C TYR A 122 -33.60 8.36 21.02
N ALA A 123 -34.32 7.50 21.71
CA ALA A 123 -33.88 6.13 21.97
C ALA A 123 -33.67 5.38 20.67
N HIS A 124 -34.57 5.56 19.75
CA HIS A 124 -34.40 4.89 18.48
C HIS A 124 -33.15 5.42 17.76
N ALA A 125 -33.13 6.72 17.49
CA ALA A 125 -32.00 7.35 16.81
C ALA A 125 -30.71 6.68 17.25
N ILE A 126 -30.30 6.96 18.48
CA ILE A 126 -29.08 6.36 19.02
C ILE A 126 -28.90 4.94 18.53
N ALA A 127 -29.93 4.13 18.72
CA ALA A 127 -29.82 2.76 18.26
C ALA A 127 -29.63 2.67 16.75
N THR A 128 -30.21 3.59 15.98
CA THR A 128 -30.01 3.55 14.54
C THR A 128 -28.56 3.94 14.27
N LEU A 129 -28.12 5.10 14.76
CA LEU A 129 -26.74 5.53 14.54
C LEU A 129 -25.83 4.33 14.82
N GLU A 130 -26.14 3.60 15.86
CA GLU A 130 -25.32 2.44 16.14
C GLU A 130 -25.41 1.49 14.92
N ILE A 131 -26.52 0.76 14.76
CA ILE A 131 -26.68 -0.19 13.67
C ILE A 131 -25.84 0.12 12.45
N PHE A 132 -25.94 1.33 11.92
CA PHE A 132 -25.12 1.72 10.76
C PHE A 132 -23.67 1.31 11.12
N VAL A 133 -23.03 2.15 11.92
CA VAL A 133 -21.69 1.90 12.41
C VAL A 133 -21.33 0.40 12.44
N GLY A 134 -21.53 -0.26 13.58
CA GLY A 134 -21.20 -1.66 13.67
C GLY A 134 -21.30 -2.45 12.37
N MET A 135 -22.35 -2.20 11.60
CA MET A 135 -22.56 -2.90 10.34
C MET A 135 -21.37 -2.49 9.45
N SER A 136 -21.10 -1.19 9.47
CA SER A 136 -20.02 -0.59 8.74
C SER A 136 -18.71 -1.06 9.39
N GLY A 137 -18.74 -1.17 10.70
CA GLY A 137 -17.54 -1.59 11.37
C GLY A 137 -17.18 -3.02 11.04
N ILE A 138 -18.18 -3.87 11.01
CA ILE A 138 -17.90 -5.22 10.69
C ILE A 138 -17.18 -5.21 9.36
N ALA A 139 -17.64 -4.38 8.41
CA ALA A 139 -16.99 -4.27 7.08
C ALA A 139 -15.48 -4.04 7.14
N LEU A 140 -15.08 -2.83 7.53
CA LEU A 140 -13.67 -2.48 7.68
C LEU A 140 -12.88 -3.58 8.43
N SER A 141 -13.55 -4.32 9.28
CA SER A 141 -12.86 -5.40 9.95
C SER A 141 -12.76 -6.55 8.97
N THR A 142 -13.90 -7.05 8.45
CA THR A 142 -13.82 -8.12 7.50
C THR A 142 -12.84 -7.59 6.50
N GLY A 143 -12.88 -6.28 6.31
CA GLY A 143 -11.96 -5.63 5.38
C GLY A 143 -10.45 -5.75 5.65
N LEU A 144 -9.99 -5.19 6.77
CA LEU A 144 -8.60 -5.34 7.13
C LEU A 144 -8.24 -6.83 7.02
N VAL A 145 -9.16 -7.70 7.45
CA VAL A 145 -8.89 -9.12 7.41
C VAL A 145 -8.41 -9.47 6.05
N PHE A 146 -9.26 -9.42 5.03
CA PHE A 146 -8.74 -9.83 3.74
C PHE A 146 -7.42 -9.16 3.35
N ALA A 147 -7.30 -7.91 3.73
CA ALA A 147 -6.10 -7.16 3.44
C ALA A 147 -4.88 -7.75 4.10
N ARG A 148 -5.07 -8.47 5.17
CA ARG A 148 -3.93 -9.06 5.87
C ARG A 148 -3.63 -10.40 5.23
N PHE A 149 -4.70 -11.05 4.77
CA PHE A 149 -4.55 -12.35 4.15
C PHE A 149 -3.73 -12.00 2.94
N ALA A 150 -4.27 -11.11 2.12
CA ALA A 150 -3.57 -10.76 0.91
C ALA A 150 -2.08 -10.47 1.03
N ARG A 151 -1.53 -10.38 2.24
CA ARG A 151 -0.08 -10.13 2.36
C ARG A 151 0.63 -11.23 1.59
N PRO A 152 1.53 -10.87 0.69
CA PRO A 152 2.21 -11.92 -0.06
C PRO A 152 2.56 -12.97 0.96
N ARG A 153 2.73 -14.21 0.52
CA ARG A 153 3.00 -15.26 1.48
C ARG A 153 4.31 -16.04 1.48
N ALA A 154 5.17 -15.87 0.48
CA ALA A 154 6.43 -16.62 0.47
C ALA A 154 7.48 -15.66 1.01
N LYS A 155 8.65 -16.13 1.46
CA LYS A 155 9.71 -15.26 1.97
C LYS A 155 11.07 -15.83 1.60
N ILE A 156 12.00 -15.00 1.18
CA ILE A 156 13.28 -15.51 0.80
C ILE A 156 14.28 -15.14 1.88
N MET A 157 14.99 -16.15 2.45
CA MET A 157 16.02 -15.97 3.53
C MET A 157 17.44 -15.99 2.97
N PHE A 158 18.28 -15.05 3.41
CA PHE A 158 19.66 -14.97 2.90
C PHE A 158 20.74 -15.17 3.93
N ALA A 159 21.87 -15.70 3.49
CA ALA A 159 23.02 -15.98 4.35
C ALA A 159 23.60 -14.83 5.12
N ARG A 160 23.40 -14.87 6.42
CA ARG A 160 23.92 -13.81 7.22
C ARG A 160 25.26 -13.43 6.67
N HIS A 161 25.95 -14.31 5.96
CA HIS A 161 27.25 -13.93 5.47
C HIS A 161 27.53 -14.25 4.05
N ALA A 162 28.12 -13.30 3.37
CA ALA A 162 28.53 -13.45 1.97
C ALA A 162 29.81 -14.20 2.07
N ILE A 163 30.55 -14.39 0.97
CA ILE A 163 31.84 -15.09 1.02
C ILE A 163 32.51 -14.86 -0.30
N VAL A 164 33.84 -14.79 -0.33
CA VAL A 164 34.56 -14.65 -1.62
C VAL A 164 35.62 -15.73 -1.68
N ARG A 165 35.50 -16.62 -2.64
CA ARG A 165 36.44 -17.71 -2.74
C ARG A 165 36.90 -17.91 -4.18
N PRO A 166 37.93 -18.77 -4.39
CA PRO A 166 38.44 -19.04 -5.74
C PRO A 166 37.51 -20.14 -6.28
N PHE A 167 37.12 -20.02 -7.54
CA PHE A 167 36.21 -21.00 -8.13
C PHE A 167 36.51 -21.30 -9.58
N ASN A 168 36.55 -22.60 -9.91
CA ASN A 168 36.81 -23.05 -11.26
C ASN A 168 37.86 -22.16 -11.96
N GLY A 169 38.68 -21.50 -11.18
CA GLY A 169 39.69 -20.66 -11.80
C GLY A 169 39.98 -19.39 -11.05
N ARG A 170 39.23 -18.33 -11.39
CA ARG A 170 39.40 -17.02 -10.76
C ARG A 170 38.66 -16.82 -9.40
N MET A 171 38.82 -15.62 -8.84
CA MET A 171 38.21 -15.26 -7.58
C MET A 171 36.75 -14.88 -7.87
N THR A 172 35.82 -15.46 -7.10
CA THR A 172 34.41 -15.14 -7.27
C THR A 172 33.72 -15.01 -5.90
N LEU A 173 32.72 -14.12 -5.84
CA LEU A 173 31.93 -13.79 -4.63
C LEU A 173 30.80 -14.76 -4.59
N MET A 174 30.12 -14.83 -3.47
CA MET A 174 29.01 -15.76 -3.37
C MET A 174 28.00 -15.41 -2.25
N VAL A 175 26.71 -15.56 -2.53
CA VAL A 175 25.68 -15.34 -1.53
C VAL A 175 24.71 -16.46 -1.77
N ARG A 176 24.06 -16.92 -0.74
CA ARG A 176 23.19 -18.03 -0.95
C ARG A 176 21.87 -17.89 -0.21
N ALA A 177 20.77 -17.91 -0.93
CA ALA A 177 19.49 -17.81 -0.25
C ALA A 177 18.60 -19.00 -0.56
N ALA A 178 17.49 -19.07 0.16
CA ALA A 178 16.55 -20.13 -0.06
C ALA A 178 15.17 -19.89 0.48
N ASN A 179 14.22 -20.57 -0.13
CA ASN A 179 12.81 -20.43 0.18
C ASN A 179 12.59 -20.55 1.66
N ALA A 180 11.35 -20.52 2.10
CA ALA A 180 11.11 -20.65 3.50
C ALA A 180 9.71 -20.97 3.92
N ARG A 181 8.83 -21.47 3.03
CA ARG A 181 7.43 -21.87 3.37
C ARG A 181 6.64 -22.51 2.15
N GLN A 182 6.31 -21.69 1.12
CA GLN A 182 5.59 -22.09 -0.16
C GLN A 182 6.53 -21.64 -1.28
N ASN A 183 7.34 -22.55 -1.77
CA ASN A 183 8.33 -22.19 -2.77
C ASN A 183 8.07 -21.13 -3.86
N VAL A 184 9.06 -20.97 -4.73
CA VAL A 184 9.05 -20.09 -5.90
C VAL A 184 9.82 -20.71 -7.19
N ILE A 185 10.71 -19.94 -7.81
CA ILE A 185 11.52 -20.21 -9.04
C ILE A 185 11.77 -18.78 -9.67
N ALA A 186 12.75 -18.07 -9.07
CA ALA A 186 13.05 -16.67 -9.39
C ALA A 186 14.27 -16.30 -10.09
N GLU A 187 14.33 -15.00 -10.32
CA GLU A 187 15.40 -14.34 -11.01
C GLU A 187 15.89 -13.28 -10.04
N ALA A 188 17.22 -13.09 -9.94
CA ALA A 188 17.81 -12.13 -9.02
C ALA A 188 18.79 -11.15 -9.61
N ARG A 189 18.64 -9.89 -9.31
CA ARG A 189 19.57 -8.92 -9.85
C ARG A 189 20.50 -8.74 -8.69
N ALA A 190 21.77 -8.34 -8.93
CA ALA A 190 22.72 -8.06 -7.83
C ALA A 190 23.54 -6.85 -8.07
N LYS A 191 23.29 -5.83 -7.24
CA LYS A 191 23.92 -4.51 -7.27
C LYS A 191 24.96 -4.36 -6.15
N MET A 192 25.83 -3.35 -6.29
CA MET A 192 26.93 -3.08 -5.37
C MET A 192 27.19 -1.59 -5.03
N ARG A 193 27.39 -1.26 -3.77
CA ARG A 193 27.62 0.13 -3.32
C ARG A 193 28.96 0.50 -2.67
N LEU A 194 29.63 1.55 -3.16
CA LEU A 194 30.87 1.99 -2.53
C LEU A 194 30.85 3.53 -2.50
N MET A 195 32.02 4.17 -2.41
CA MET A 195 32.17 5.65 -2.38
C MET A 195 31.28 6.29 -1.33
N LEU A 206 27.78 8.87 -3.61
CA LEU A 206 27.71 7.39 -3.55
C LEU A 206 27.25 6.82 -4.90
N MET A 207 28.10 6.01 -5.52
CA MET A 207 27.78 5.41 -6.81
C MET A 207 27.48 3.90 -6.69
N LYS A 208 26.25 3.50 -7.07
CA LYS A 208 25.77 2.10 -7.05
C LYS A 208 26.11 1.34 -8.29
N ILE A 209 27.24 0.65 -8.26
CA ILE A 209 27.75 -0.10 -9.41
C ILE A 209 27.02 -1.41 -9.77
N HIS A 210 26.74 -1.54 -11.06
CA HIS A 210 26.05 -2.67 -11.71
C HIS A 210 26.94 -3.88 -11.75
N ASP A 211 26.84 -4.71 -10.71
CA ASP A 211 27.65 -5.92 -10.62
C ASP A 211 26.92 -7.05 -11.33
N LEU A 212 27.57 -7.71 -12.29
CA LEU A 212 26.97 -8.77 -13.12
C LEU A 212 25.96 -9.71 -12.47
N LYS A 213 25.04 -9.12 -11.70
CA LYS A 213 23.96 -9.83 -10.94
C LYS A 213 24.57 -11.03 -10.25
N LEU A 214 24.59 -10.98 -8.90
CA LEU A 214 25.16 -12.03 -8.03
C LEU A 214 24.43 -13.27 -8.43
N VAL A 215 24.26 -13.33 -9.75
CA VAL A 215 23.59 -14.37 -10.47
C VAL A 215 24.38 -14.49 -11.76
N ARG A 216 25.28 -13.52 -11.93
CA ARG A 216 26.18 -13.39 -13.05
C ARG A 216 26.37 -14.69 -13.82
N ASN A 217 26.20 -15.81 -13.14
CA ASN A 217 26.37 -17.05 -13.81
C ASN A 217 25.03 -17.51 -14.28
N GLU A 218 24.02 -17.33 -13.44
CA GLU A 218 22.67 -17.68 -13.79
C GLU A 218 21.84 -16.56 -13.16
N HIS A 219 21.10 -15.79 -13.97
CA HIS A 219 20.26 -14.70 -13.46
C HIS A 219 19.04 -15.26 -12.75
N PRO A 220 18.68 -16.51 -13.02
CA PRO A 220 17.54 -17.22 -12.43
C PRO A 220 17.90 -18.53 -11.69
N ILE A 221 17.05 -19.56 -11.88
CA ILE A 221 17.30 -20.90 -11.30
C ILE A 221 15.94 -21.55 -11.03
N PHE A 222 15.96 -22.79 -10.59
CA PHE A 222 14.77 -23.63 -10.21
C PHE A 222 14.77 -23.74 -8.59
N LEU A 223 14.77 -22.54 -7.98
CA LEU A 223 14.82 -22.27 -6.55
C LEU A 223 14.08 -23.22 -5.63
N LEU A 224 14.94 -23.88 -4.83
CA LEU A 224 14.71 -24.85 -3.74
C LEU A 224 16.20 -25.18 -3.38
N GLY A 225 16.87 -24.08 -2.99
CA GLY A 225 18.27 -23.99 -2.63
C GLY A 225 19.01 -23.13 -3.67
N TRP A 226 19.27 -21.85 -3.43
CA TRP A 226 20.00 -21.11 -4.47
C TRP A 226 21.28 -20.52 -3.96
N ASN A 227 22.35 -20.68 -4.74
CA ASN A 227 23.72 -20.22 -4.43
C ASN A 227 24.21 -19.16 -5.43
N MET A 228 23.78 -17.90 -5.27
CA MET A 228 24.14 -16.77 -6.20
C MET A 228 25.57 -16.35 -6.23
N MET A 229 26.20 -16.35 -7.39
CA MET A 229 27.59 -16.00 -7.37
C MET A 229 28.10 -15.28 -8.54
N HIS A 230 29.24 -14.63 -8.35
CA HIS A 230 29.80 -13.83 -9.41
C HIS A 230 31.29 -13.69 -9.49
N VAL A 231 31.82 -13.94 -10.69
CA VAL A 231 33.24 -13.90 -10.98
C VAL A 231 33.77 -12.52 -10.81
N ILE A 232 34.95 -12.39 -10.21
CA ILE A 232 35.52 -11.07 -9.97
C ILE A 232 36.60 -10.64 -10.99
N ASP A 233 36.50 -11.12 -12.21
CA ASP A 233 37.51 -10.72 -13.20
C ASP A 233 37.47 -9.24 -13.51
N GLU A 234 38.34 -8.83 -14.44
CA GLU A 234 38.45 -7.44 -14.86
C GLU A 234 37.08 -6.78 -15.02
N SER A 235 36.30 -7.30 -15.96
CA SER A 235 34.97 -6.76 -16.20
C SER A 235 34.30 -6.26 -14.93
N SER A 236 34.42 -7.04 -13.86
CA SER A 236 33.79 -6.71 -12.60
C SER A 236 34.37 -5.54 -11.82
N PRO A 237 33.49 -4.75 -11.17
CA PRO A 237 33.82 -3.57 -10.37
C PRO A 237 34.38 -3.92 -8.97
N LEU A 238 34.33 -5.19 -8.61
CA LEU A 238 34.86 -5.55 -7.33
C LEU A 238 36.25 -6.10 -7.57
N PHE A 239 36.82 -5.72 -8.71
CA PHE A 239 38.18 -6.16 -9.06
C PHE A 239 39.10 -5.61 -7.98
N GLY A 240 40.39 -5.87 -8.12
CA GLY A 240 41.34 -5.40 -7.14
C GLY A 240 40.76 -4.47 -6.08
N GLU A 241 40.12 -5.06 -5.09
CA GLU A 241 39.57 -4.26 -4.02
C GLU A 241 39.81 -5.20 -2.85
N THR A 242 40.32 -4.66 -1.75
CA THR A 242 40.62 -5.49 -0.59
C THR A 242 39.69 -5.21 0.53
N PRO A 243 39.64 -6.13 1.51
CA PRO A 243 38.74 -5.95 2.66
C PRO A 243 38.96 -4.54 3.23
N GLU A 244 40.16 -4.01 2.98
CA GLU A 244 40.55 -2.69 3.47
C GLU A 244 40.04 -1.65 2.49
N SER A 245 40.03 -2.05 1.22
CA SER A 245 39.56 -1.19 0.14
C SER A 245 38.08 -0.88 0.33
N LEU A 246 37.28 -1.93 0.45
CA LEU A 246 35.85 -1.78 0.65
C LEU A 246 35.62 -0.91 1.90
N ALA A 247 35.89 -1.49 3.06
CA ALA A 247 35.73 -0.85 4.36
C ALA A 247 35.68 0.67 4.34
N GLU A 248 36.61 1.26 3.60
CA GLU A 248 36.65 2.71 3.53
C GLU A 248 35.57 3.32 2.66
N GLY A 249 35.06 2.56 1.68
CA GLY A 249 34.02 3.06 0.80
C GLY A 249 32.60 2.71 1.24
N ARG A 250 32.45 2.39 2.52
CA ARG A 250 31.16 1.99 3.10
C ARG A 250 30.55 0.90 2.21
N ALA A 251 31.40 0.27 1.39
CA ALA A 251 31.01 -0.79 0.48
C ALA A 251 29.86 -1.63 1.00
N MET A 252 28.89 -1.87 0.10
CA MET A 252 27.72 -2.72 0.39
C MET A 252 27.32 -3.64 -0.78
N LEU A 253 26.97 -4.86 -0.42
CA LEU A 253 26.56 -5.86 -1.36
C LEU A 253 25.04 -5.84 -1.23
N LEU A 254 24.34 -5.53 -2.31
CA LEU A 254 22.87 -5.50 -2.30
C LEU A 254 22.30 -6.57 -3.25
N VAL A 255 21.36 -7.37 -2.75
CA VAL A 255 20.77 -8.41 -3.59
C VAL A 255 19.24 -8.46 -3.49
N MET A 256 18.58 -8.83 -4.59
CA MET A 256 17.14 -8.96 -4.61
C MET A 256 16.74 -10.00 -5.58
N ILE A 257 16.02 -10.97 -5.06
CA ILE A 257 15.50 -12.10 -5.76
C ILE A 257 14.06 -11.70 -5.99
N GLU A 258 13.44 -12.12 -7.10
CA GLU A 258 12.04 -11.81 -7.45
C GLU A 258 11.51 -13.05 -8.15
N GLY A 259 10.35 -13.51 -7.71
CA GLY A 259 9.73 -14.71 -8.30
C GLY A 259 8.22 -14.78 -8.05
N SER A 260 7.49 -15.60 -8.79
CA SER A 260 6.07 -15.58 -8.51
C SER A 260 5.65 -16.78 -7.73
N ASP A 261 4.68 -16.59 -6.84
CA ASP A 261 4.20 -17.70 -6.04
C ASP A 261 3.13 -18.35 -6.85
N GLU A 262 3.44 -19.51 -7.46
CA GLU A 262 2.50 -20.25 -8.31
C GLU A 262 1.16 -20.45 -7.62
N THR A 263 1.17 -20.56 -6.29
CA THR A 263 -0.01 -20.76 -5.50
C THR A 263 -0.93 -19.58 -5.44
N THR A 264 -0.43 -18.36 -5.66
CA THR A 264 -1.27 -17.14 -5.64
C THR A 264 -0.89 -16.20 -6.74
N ALA A 265 0.08 -16.64 -7.50
CA ALA A 265 0.55 -15.90 -8.63
C ALA A 265 1.00 -14.50 -8.30
N GLN A 266 1.15 -14.19 -7.02
CA GLN A 266 1.62 -12.88 -6.64
C GLN A 266 3.12 -12.90 -6.88
N VAL A 267 3.71 -11.82 -7.36
CA VAL A 267 5.15 -11.84 -7.60
C VAL A 267 5.70 -11.13 -6.44
N MET A 268 6.35 -11.85 -5.55
CA MET A 268 6.85 -11.22 -4.37
C MET A 268 8.33 -11.21 -4.37
N GLN A 269 8.89 -10.03 -4.19
CA GLN A 269 10.34 -9.86 -4.15
C GLN A 269 10.86 -9.50 -2.77
N ALA A 270 12.06 -9.99 -2.45
CA ALA A 270 12.66 -9.69 -1.18
C ALA A 270 14.06 -9.24 -1.48
N ARG A 271 14.58 -8.42 -0.58
CA ARG A 271 15.89 -7.83 -0.74
C ARG A 271 16.74 -8.13 0.48
N HIS A 272 18.05 -7.91 0.34
CA HIS A 272 18.97 -8.14 1.43
C HIS A 272 20.32 -7.47 1.23
N ALA A 273 20.81 -6.82 2.29
CA ALA A 273 22.07 -6.11 2.22
C ALA A 273 23.21 -6.63 3.14
N TRP A 274 24.41 -6.70 2.58
CA TRP A 274 25.57 -7.16 3.31
C TRP A 274 26.52 -6.00 3.57
N GLU A 275 26.99 -5.82 4.81
CA GLU A 275 27.95 -4.75 5.09
C GLU A 275 29.32 -5.32 4.78
N HIS A 276 30.15 -4.54 4.08
CA HIS A 276 31.49 -4.98 3.68
C HIS A 276 32.19 -5.99 4.61
N ASP A 277 32.14 -5.71 5.90
CA ASP A 277 32.78 -6.58 6.87
C ASP A 277 32.01 -7.88 7.02
N ASP A 278 30.93 -8.03 6.24
CA ASP A 278 30.13 -9.23 6.31
C ASP A 278 30.54 -10.20 5.23
N ILE A 279 31.14 -9.70 4.16
CA ILE A 279 31.61 -10.57 3.10
C ILE A 279 32.81 -11.26 3.71
N ARG A 280 32.66 -12.50 4.18
CA ARG A 280 33.81 -13.18 4.78
C ARG A 280 34.65 -13.86 3.72
N TRP A 281 35.92 -13.41 3.64
CA TRP A 281 36.89 -13.87 2.64
C TRP A 281 37.47 -15.28 2.71
N HIS A 282 37.99 -15.71 1.57
CA HIS A 282 38.58 -17.02 1.42
C HIS A 282 37.87 -18.16 2.16
N HIS A 283 36.54 -18.14 2.14
CA HIS A 283 35.73 -19.20 2.76
C HIS A 283 34.83 -19.92 1.76
N ARG A 284 33.80 -20.54 2.35
CA ARG A 284 32.80 -21.26 1.60
C ARG A 284 31.63 -21.56 2.53
N TYR A 285 30.55 -22.07 1.97
CA TYR A 285 29.40 -22.36 2.78
C TYR A 285 29.43 -23.82 3.16
N VAL A 286 29.20 -24.10 4.41
CA VAL A 286 29.17 -25.48 4.82
C VAL A 286 28.17 -26.14 3.91
N ASP A 287 28.46 -27.32 3.38
CA ASP A 287 27.49 -27.99 2.52
C ASP A 287 26.21 -28.23 3.36
N LEU A 288 25.08 -28.36 2.68
CA LEU A 288 23.81 -28.52 3.40
C LEU A 288 23.01 -29.77 3.11
N MET A 289 23.28 -30.44 1.99
CA MET A 289 22.54 -31.67 1.66
C MET A 289 23.28 -32.94 2.14
N THR A 296 16.73 -36.58 -2.54
CA THR A 296 17.76 -36.00 -1.66
C THR A 296 17.04 -34.90 -0.86
N HIS A 297 17.74 -34.58 0.12
CA HIS A 297 17.28 -33.70 1.17
C HIS A 297 18.34 -32.69 1.57
N ILE A 298 17.73 -31.57 1.98
CA ILE A 298 18.47 -30.45 2.54
C ILE A 298 18.09 -30.24 4.01
N ASP A 299 19.05 -30.22 4.89
CA ASP A 299 18.81 -29.90 6.28
C ASP A 299 19.33 -28.52 6.61
N TYR A 300 18.67 -27.48 7.16
CA TYR A 300 18.90 -26.05 7.04
C TYR A 300 19.54 -25.28 8.19
N THR A 301 19.84 -25.95 9.30
CA THR A 301 20.25 -25.36 10.56
C THR A 301 21.53 -24.55 10.37
N ARG A 302 22.55 -24.99 9.80
CA ARG A 302 23.86 -24.44 9.59
C ARG A 302 24.00 -23.61 8.32
N PHE A 303 22.86 -23.14 7.81
CA PHE A 303 22.79 -22.34 6.57
C PHE A 303 23.76 -21.18 6.46
N ASN A 304 23.88 -20.42 7.54
CA ASN A 304 24.74 -19.24 7.62
C ASN A 304 26.25 -19.40 7.86
N ASP A 305 26.64 -20.41 8.62
CA ASP A 305 28.04 -20.62 8.92
C ASP A 305 28.98 -20.76 7.75
N THR A 306 30.26 -20.50 8.00
CA THR A 306 31.29 -20.64 6.96
C THR A 306 32.61 -21.05 7.66
N GLU A 307 33.61 -21.41 6.84
CA GLU A 307 34.94 -21.86 7.30
C GLU A 307 35.95 -21.52 6.23
N PRO A 308 37.06 -20.89 6.61
CA PRO A 308 38.01 -20.58 5.54
C PRO A 308 38.48 -21.78 4.74
N VAL A 309 39.32 -21.51 3.75
CA VAL A 309 39.86 -22.55 2.90
C VAL A 309 41.42 -22.59 2.90
N ARG B 36 -13.31 13.42 -17.91
CA ARG B 36 -13.07 12.03 -17.37
C ARG B 36 -11.60 11.67 -17.54
N GLU B 37 -10.98 12.60 -18.32
CA GLU B 37 -9.61 12.70 -18.82
C GLU B 37 -9.08 14.19 -18.71
N VAL B 38 -7.82 14.40 -19.09
CA VAL B 38 -6.87 15.52 -19.13
C VAL B 38 -7.30 16.53 -20.19
N ILE B 39 -7.26 17.55 -20.66
CA ILE B 39 -7.79 18.68 -21.41
C ILE B 39 -8.77 18.22 -22.49
N ALA B 40 -10.00 18.81 -22.38
CA ALA B 40 -11.10 18.64 -23.32
C ALA B 40 -11.37 17.34 -24.11
N TYR B 41 -12.47 16.55 -23.66
CA TYR B 41 -13.00 15.31 -24.22
C TYR B 41 -14.42 15.31 -24.64
N GLY B 42 -14.66 14.81 -25.63
CA GLY B 42 -16.09 14.56 -25.94
C GLY B 42 -16.05 13.10 -26.45
N MET B 43 -16.73 11.98 -25.53
CA MET B 43 -16.76 10.56 -25.96
C MET B 43 -17.88 9.87 -25.14
N PRO B 44 -17.99 8.61 -25.47
CA PRO B 44 -18.97 7.74 -24.83
C PRO B 44 -18.71 7.54 -23.33
N ALA B 45 -19.88 7.22 -22.61
CA ALA B 45 -19.68 7.08 -21.18
C ALA B 45 -20.92 6.46 -20.60
N SER B 46 -20.98 6.35 -19.28
CA SER B 46 -22.15 5.81 -18.59
C SER B 46 -22.14 5.91 -17.09
N VAL B 47 -22.93 6.86 -16.60
CA VAL B 47 -23.12 7.17 -15.20
C VAL B 47 -22.51 6.17 -14.30
N TRP B 48 -23.25 5.07 -14.12
CA TRP B 48 -22.83 3.95 -13.30
C TRP B 48 -21.31 3.95 -13.00
N ARG B 49 -20.46 3.47 -13.91
CA ARG B 49 -19.01 3.42 -13.67
C ARG B 49 -18.44 4.70 -13.08
N ASP B 50 -18.84 5.81 -13.68
CA ASP B 50 -18.39 7.11 -13.23
C ASP B 50 -18.59 7.14 -11.75
N LEU B 51 -19.59 6.42 -11.27
CA LEU B 51 -19.88 6.39 -9.84
C LEU B 51 -18.79 5.62 -9.08
N TYR B 52 -18.54 4.38 -9.45
CA TYR B 52 -17.49 3.62 -8.77
C TYR B 52 -16.32 4.56 -8.61
N TYR B 53 -15.99 5.26 -9.69
CA TYR B 53 -14.90 6.20 -9.62
C TYR B 53 -14.97 6.91 -8.29
N TRP B 54 -15.98 7.75 -8.12
CA TRP B 54 -16.09 8.47 -6.88
C TRP B 54 -15.98 7.56 -5.69
N ALA B 55 -16.62 6.44 -5.78
CA ALA B 55 -16.56 5.52 -4.67
C ALA B 55 -15.14 5.34 -4.19
N LEU B 56 -14.25 5.05 -5.13
CA LEU B 56 -12.85 4.83 -4.77
C LEU B 56 -11.94 6.04 -4.86
N LYS B 57 -12.48 7.23 -5.06
CA LYS B 57 -11.59 8.39 -5.06
C LYS B 57 -11.91 9.37 -3.95
N VAL B 58 -13.08 9.27 -3.36
CA VAL B 58 -13.49 10.18 -2.32
C VAL B 58 -12.86 9.92 -1.01
N SER B 59 -12.90 10.93 -0.15
CA SER B 59 -12.33 10.81 1.20
C SER B 59 -13.16 9.86 2.03
N TRP B 60 -12.50 9.24 2.99
CA TRP B 60 -13.19 8.29 3.82
C TRP B 60 -14.40 8.80 4.66
N PRO B 61 -14.55 10.12 4.80
CA PRO B 61 -15.72 10.44 5.58
C PRO B 61 -16.72 10.67 4.51
N VAL B 62 -16.35 11.51 3.56
CA VAL B 62 -17.28 11.75 2.50
C VAL B 62 -17.76 10.41 2.06
N PHE B 63 -16.93 9.40 2.22
CA PHE B 63 -17.39 8.10 1.81
C PHE B 63 -18.58 7.78 2.70
N PHE B 64 -18.31 7.20 3.85
CA PHE B 64 -19.35 6.81 4.78
C PHE B 64 -20.54 7.76 4.80
N ALA B 65 -20.31 9.05 4.69
CA ALA B 65 -21.43 9.96 4.67
C ALA B 65 -22.24 9.42 3.52
N SER B 66 -21.64 9.44 2.34
CA SER B 66 -22.28 8.93 1.14
C SER B 66 -23.20 7.76 1.50
N LEU B 67 -22.65 6.70 2.06
CA LEU B 67 -23.51 5.59 2.41
C LEU B 67 -24.63 6.13 3.30
N ALA B 68 -24.27 6.60 4.48
CA ALA B 68 -25.23 7.14 5.40
C ALA B 68 -26.35 7.75 4.59
N ALA B 69 -26.10 8.88 3.93
CA ALA B 69 -27.11 9.56 3.12
C ALA B 69 -27.95 8.53 2.37
N LEU B 70 -27.28 7.55 1.75
CA LEU B 70 -27.98 6.51 1.02
C LEU B 70 -28.80 5.62 1.94
N PHE B 71 -28.29 5.37 3.15
CA PHE B 71 -29.00 4.53 4.11
C PHE B 71 -30.33 5.14 4.35
N VAL B 72 -30.29 6.43 4.65
CA VAL B 72 -31.48 7.22 4.89
C VAL B 72 -32.38 7.08 3.68
N VAL B 73 -31.98 7.62 2.56
CA VAL B 73 -32.80 7.50 1.39
C VAL B 73 -33.34 6.09 1.18
N ASN B 74 -32.54 5.09 1.48
CA ASN B 74 -32.97 3.71 1.26
C ASN B 74 -33.88 3.18 2.37
N ASN B 75 -33.95 3.92 3.48
CA ASN B 75 -34.81 3.51 4.60
C ASN B 75 -36.18 4.12 4.40
N THR B 76 -36.21 5.31 3.82
CA THR B 76 -37.46 5.98 3.55
C THR B 76 -38.23 5.25 2.48
N LEU B 77 -37.62 5.14 1.30
CA LEU B 77 -38.27 4.48 0.20
C LEU B 77 -38.90 3.15 0.58
N PHE B 78 -38.42 2.53 1.65
CA PHE B 78 -39.03 1.27 2.02
C PHE B 78 -40.16 1.58 2.98
N ALA B 79 -39.99 2.64 3.78
CA ALA B 79 -41.04 3.02 4.73
C ALA B 79 -42.22 3.46 3.89
N LEU B 80 -42.01 4.47 3.04
CA LEU B 80 -43.08 4.94 2.18
C LEU B 80 -43.62 3.83 1.28
N LEU B 81 -43.18 2.59 1.49
CA LEU B 81 -43.67 1.46 0.71
C LEU B 81 -44.33 0.50 1.71
N TYR B 82 -44.44 0.96 2.95
CA TYR B 82 -45.06 0.20 4.02
C TYR B 82 -46.42 0.82 4.34
N GLN B 83 -46.47 2.15 4.36
CA GLN B 83 -47.71 2.91 4.62
C GLN B 83 -48.67 2.73 3.45
N LEU B 84 -48.44 1.70 2.66
CA LEU B 84 -49.26 1.38 1.51
C LEU B 84 -49.68 -0.08 1.68
N GLY B 85 -50.04 -0.74 0.58
CA GLY B 85 -50.42 -2.14 0.62
C GLY B 85 -51.85 -2.44 1.04
N ASP B 86 -52.09 -3.66 1.52
CA ASP B 86 -53.41 -4.11 1.94
C ASP B 86 -53.63 -3.91 3.43
N ALA B 87 -52.56 -3.65 4.17
CA ALA B 87 -52.69 -3.46 5.62
C ALA B 87 -51.57 -2.58 6.20
N PRO B 88 -51.72 -2.18 7.48
CA PRO B 88 -50.74 -1.34 8.20
C PRO B 88 -49.40 -2.06 8.54
N ILE B 89 -48.48 -1.34 9.19
CA ILE B 89 -47.18 -1.89 9.54
C ILE B 89 -46.68 -1.56 10.93
N ALA B 90 -46.34 -0.29 11.13
CA ALA B 90 -45.78 0.26 12.38
C ALA B 90 -46.33 -0.11 13.78
N ASN B 91 -46.50 -1.42 14.06
CA ASN B 91 -47.00 -1.92 15.34
C ASN B 91 -46.01 -1.60 16.46
N GLN B 92 -45.23 -0.56 16.22
CA GLN B 92 -44.23 -0.19 17.19
C GLN B 92 -44.38 1.19 17.74
N SER B 93 -43.56 1.45 18.75
CA SER B 93 -43.53 2.72 19.43
C SER B 93 -43.95 3.88 18.54
N PRO B 94 -43.26 4.10 17.41
CA PRO B 94 -43.71 5.22 16.60
C PRO B 94 -45.11 4.97 16.05
N PRO B 95 -46.00 5.96 16.18
CA PRO B 95 -47.38 5.91 15.70
C PRO B 95 -47.51 5.43 14.25
N GLY B 96 -46.89 6.19 13.32
CA GLY B 96 -46.91 5.86 11.90
C GLY B 96 -45.50 5.88 11.30
N PHE B 97 -45.35 6.40 10.08
CA PHE B 97 -44.06 6.51 9.40
C PHE B 97 -42.82 6.22 10.24
N VAL B 98 -42.54 7.10 11.20
CA VAL B 98 -41.39 6.96 12.08
C VAL B 98 -41.34 5.57 12.70
N GLY B 99 -42.37 4.78 12.45
CA GLY B 99 -42.40 3.44 12.97
C GLY B 99 -41.76 2.54 11.96
N ALA B 100 -42.40 2.40 10.81
CA ALA B 100 -41.87 1.57 9.75
C ALA B 100 -40.38 1.91 9.55
N PHE B 101 -40.07 3.22 9.55
CA PHE B 101 -38.69 3.66 9.39
C PHE B 101 -37.86 2.90 10.38
N PHE B 102 -38.00 3.23 11.65
CA PHE B 102 -37.24 2.53 12.67
C PHE B 102 -37.50 1.03 12.64
N PHE B 103 -38.49 0.61 11.87
CA PHE B 103 -38.75 -0.81 11.71
C PHE B 103 -37.73 -1.14 10.70
N SER B 104 -37.90 -0.54 9.52
CA SER B 104 -37.00 -0.70 8.39
C SER B 104 -35.55 -0.78 8.87
N VAL B 105 -35.04 0.27 9.49
CA VAL B 105 -33.68 0.26 10.00
C VAL B 105 -33.47 -0.91 10.95
N GLU B 106 -34.32 -1.91 10.87
CA GLU B 106 -34.15 -3.09 11.70
C GLU B 106 -34.04 -4.29 10.79
N THR B 107 -34.43 -4.10 9.54
CA THR B 107 -34.38 -5.17 8.54
C THR B 107 -33.39 -4.93 7.38
N LEU B 108 -33.44 -3.76 6.76
CA LEU B 108 -32.53 -3.48 5.68
C LEU B 108 -31.20 -3.91 6.21
N ALA B 109 -30.81 -3.41 7.36
CA ALA B 109 -29.52 -3.77 7.92
C ALA B 109 -29.57 -5.17 8.44
N THR B 110 -30.78 -5.66 8.60
CA THR B 110 -31.02 -6.99 9.12
C THR B 110 -30.55 -7.15 10.57
N VAL B 111 -31.29 -6.56 11.48
CA VAL B 111 -30.96 -6.66 12.88
C VAL B 111 -32.09 -7.38 13.60
N GLY B 112 -33.25 -7.45 12.95
CA GLY B 112 -34.44 -8.11 13.50
C GLY B 112 -34.93 -7.81 14.91
N TYR B 113 -34.32 -6.84 15.58
CA TYR B 113 -34.64 -6.47 16.94
C TYR B 113 -35.71 -7.25 17.67
N GLY B 114 -36.98 -7.16 17.25
CA GLY B 114 -37.98 -7.93 17.97
C GLY B 114 -39.46 -7.55 18.08
N ASP B 115 -39.95 -6.75 17.15
CA ASP B 115 -41.37 -6.41 17.15
C ASP B 115 -41.81 -6.85 15.78
N MET B 116 -42.17 -8.11 15.74
CA MET B 116 -42.58 -8.81 14.54
C MET B 116 -43.77 -8.29 13.77
N HIS B 117 -43.50 -7.74 12.58
CA HIS B 117 -44.58 -7.32 11.72
C HIS B 117 -44.62 -8.25 10.51
N PRO B 118 -44.94 -9.52 10.76
CA PRO B 118 -45.02 -10.46 9.66
C PRO B 118 -46.53 -10.69 9.55
N GLN B 119 -47.30 -9.76 10.11
CA GLN B 119 -48.76 -9.82 10.16
C GLN B 119 -49.54 -10.20 8.91
N THR B 120 -49.19 -9.60 7.77
CA THR B 120 -49.90 -9.89 6.54
C THR B 120 -48.99 -10.17 5.39
N VAL B 121 -49.51 -10.82 4.36
CA VAL B 121 -48.67 -11.13 3.22
C VAL B 121 -48.01 -9.89 2.67
N TYR B 122 -48.77 -9.04 2.00
CA TYR B 122 -48.16 -7.82 1.44
C TYR B 122 -47.11 -7.30 2.37
N ALA B 123 -47.44 -7.26 3.66
CA ALA B 123 -46.54 -6.78 4.68
C ALA B 123 -45.27 -7.60 4.72
N HIS B 124 -45.41 -8.90 4.60
CA HIS B 124 -44.24 -9.71 4.61
C HIS B 124 -43.38 -9.42 3.36
N ALA B 125 -43.96 -9.62 2.18
CA ALA B 125 -43.25 -9.37 0.92
C ALA B 125 -42.31 -8.19 1.09
N ILE B 126 -42.88 -6.99 1.16
CA ILE B 126 -42.12 -5.78 1.34
C ILE B 126 -40.92 -6.03 2.25
N ALA B 127 -41.19 -6.56 3.42
CA ALA B 127 -40.10 -6.84 4.33
C ALA B 127 -39.11 -7.84 3.76
N THR B 128 -39.56 -8.79 2.95
CA THR B 128 -38.63 -9.73 2.35
C THR B 128 -37.81 -8.97 1.30
N LEU B 129 -38.47 -8.31 0.35
CA LEU B 129 -37.74 -7.56 -0.66
C LEU B 129 -36.66 -6.75 0.03
N GLU B 130 -37.00 -6.17 1.17
CA GLU B 130 -35.99 -5.43 1.88
C GLU B 130 -34.83 -6.39 2.24
N ILE B 131 -35.01 -7.24 3.25
CA ILE B 131 -33.98 -8.15 3.69
C ILE B 131 -32.98 -8.51 2.62
N PHE B 132 -33.44 -8.97 1.47
CA PHE B 132 -32.51 -9.30 0.37
C PHE B 132 -31.58 -8.06 0.21
N VAL B 133 -32.11 -7.03 -0.45
CA VAL B 133 -31.41 -5.78 -0.62
C VAL B 133 -30.36 -5.51 0.47
N GLY B 134 -30.73 -4.80 1.51
CA GLY B 134 -29.77 -4.50 2.56
C GLY B 134 -28.68 -5.55 2.77
N MET B 135 -29.04 -6.82 2.71
CA MET B 135 -28.08 -7.90 2.90
C MET B 135 -27.09 -7.77 1.73
N SER B 136 -27.69 -7.57 0.57
CA SER B 136 -26.97 -7.40 -0.68
C SER B 136 -26.26 -6.05 -0.60
N GLY B 137 -26.93 -5.09 0.00
CA GLY B 137 -26.32 -3.78 0.09
C GLY B 137 -25.10 -3.79 0.99
N ILE B 138 -25.22 -4.48 2.10
CA ILE B 138 -24.10 -4.52 2.98
C ILE B 138 -22.93 -5.04 2.14
N ALA B 139 -23.18 -6.06 1.31
CA ALA B 139 -22.11 -6.61 0.44
C ALA B 139 -21.34 -5.56 -0.37
N LEU B 140 -21.99 -5.01 -1.38
CA LEU B 140 -21.42 -3.97 -2.22
C LEU B 140 -20.71 -2.87 -1.36
N SER B 141 -21.17 -2.67 -0.15
CA SER B 141 -20.51 -1.72 0.70
C SER B 141 -19.25 -2.40 1.24
N THR B 142 -19.37 -3.52 1.93
CA THR B 142 -18.20 -4.19 2.42
C THR B 142 -17.36 -4.28 1.18
N GLY B 143 -18.02 -4.46 0.06
CA GLY B 143 -17.31 -4.53 -1.22
C GLY B 143 -16.48 -3.32 -1.67
N LEU B 144 -17.12 -2.19 -1.90
CA LEU B 144 -16.39 -0.99 -2.23
C LEU B 144 -15.25 -0.83 -1.19
N VAL B 145 -15.55 -1.11 0.08
CA VAL B 145 -14.56 -0.96 1.12
C VAL B 145 -13.32 -1.65 0.68
N PHE B 146 -13.31 -2.98 0.61
CA PHE B 146 -12.05 -3.61 0.24
C PHE B 146 -11.41 -3.01 -1.01
N ALA B 147 -12.25 -2.66 -1.95
CA ALA B 147 -11.79 -2.07 -3.19
C ALA B 147 -11.07 -0.76 -2.98
N ARG B 148 -11.36 -0.09 -1.88
CA ARG B 148 -10.71 1.19 -1.62
C ARG B 148 -9.40 0.91 -0.89
N PHE B 149 -9.44 -0.15 -0.07
CA PHE B 149 -8.29 -0.50 0.69
C PHE B 149 -7.32 -0.86 -0.40
N ALA B 150 -7.68 -1.82 -1.21
CA ALA B 150 -6.79 -2.26 -2.25
C ALA B 150 -6.11 -1.19 -3.07
N ARG B 151 -6.49 0.08 -2.92
CA ARG B 151 -5.82 1.13 -3.70
C ARG B 151 -4.33 1.03 -3.39
N PRO B 152 -3.49 0.97 -4.41
CA PRO B 152 -2.06 0.87 -4.12
C PRO B 152 -1.80 1.85 -3.02
N ARG B 153 -0.76 1.64 -2.23
CA ARG B 153 -0.53 2.53 -1.12
C ARG B 153 0.72 3.41 -1.04
N ALA B 154 1.70 3.23 -1.92
CA ALA B 154 2.90 4.07 -1.85
C ALA B 154 2.70 5.15 -2.87
N LYS B 155 3.55 6.15 -2.77
CA LYS B 155 3.50 7.30 -3.67
C LYS B 155 4.89 7.84 -3.89
N ILE B 156 5.22 8.20 -5.10
CA ILE B 156 6.54 8.70 -5.33
C ILE B 156 6.47 10.20 -5.54
N MET B 157 7.22 10.99 -4.74
CA MET B 157 7.27 12.49 -4.82
C MET B 157 8.49 13.00 -5.60
N PHE B 158 8.29 13.96 -6.50
CA PHE B 158 9.39 14.47 -7.31
C PHE B 158 9.72 15.94 -7.12
N ALA B 159 10.99 16.29 -7.32
CA ALA B 159 11.49 17.66 -7.15
C ALA B 159 10.83 18.72 -7.97
N ARG B 160 10.09 19.58 -7.29
CA ARG B 160 9.42 20.63 -8.00
C ARG B 160 10.36 21.11 -9.07
N HIS B 161 11.66 20.93 -8.93
CA HIS B 161 12.54 21.44 -9.95
C HIS B 161 13.59 20.51 -10.42
N ALA B 162 13.79 20.48 -11.72
CA ALA B 162 14.82 19.67 -12.34
C ALA B 162 16.04 20.50 -12.20
N ILE B 163 17.17 20.14 -12.80
CA ILE B 163 18.39 20.95 -12.70
C ILE B 163 19.36 20.41 -13.73
N VAL B 164 20.21 21.26 -14.30
CA VAL B 164 21.22 20.76 -15.26
C VAL B 164 22.56 21.30 -14.80
N ARG B 165 23.46 20.40 -14.45
CA ARG B 165 24.76 20.82 -13.97
C ARG B 165 25.89 20.03 -14.61
N PRO B 166 27.15 20.44 -14.39
CA PRO B 166 28.30 19.74 -14.96
C PRO B 166 28.59 18.64 -13.94
N PHE B 167 28.88 17.44 -14.44
CA PHE B 167 29.14 16.31 -13.55
C PHE B 167 30.23 15.38 -14.05
N ASN B 168 31.15 15.04 -13.17
CA ASN B 168 32.24 14.14 -13.48
C ASN B 168 32.76 14.37 -14.90
N GLY B 169 32.54 15.56 -15.42
CA GLY B 169 33.03 15.83 -16.76
C GLY B 169 32.12 16.71 -17.58
N ARG B 170 31.19 16.06 -18.29
CA ARG B 170 30.25 16.78 -19.15
C ARG B 170 28.98 17.35 -18.44
N MET B 171 28.13 17.98 -19.24
CA MET B 171 26.90 18.58 -18.76
C MET B 171 25.87 17.45 -18.62
N THR B 172 25.21 17.37 -17.47
CA THR B 172 24.19 16.35 -17.26
C THR B 172 22.99 16.95 -16.50
N LEU B 173 21.79 16.43 -16.82
CA LEU B 173 20.48 16.86 -16.25
C LEU B 173 20.28 16.06 -15.03
N MET B 174 19.32 16.46 -14.21
CA MET B 174 19.07 15.73 -12.98
C MET B 174 17.66 15.97 -12.39
N VAL B 175 17.04 14.90 -11.90
CA VAL B 175 15.75 15.00 -11.24
C VAL B 175 15.87 14.07 -10.07
N ARG B 176 15.19 14.41 -9.00
CA ARG B 176 15.37 13.57 -7.85
C ARG B 176 14.05 13.29 -7.12
N ALA B 177 13.69 12.02 -7.00
CA ALA B 177 12.46 11.71 -6.31
C ALA B 177 12.70 10.79 -5.13
N ALA B 178 11.66 10.61 -4.34
CA ALA B 178 11.77 9.73 -3.21
C ALA B 178 10.45 9.26 -2.63
N ASN B 179 10.51 8.11 -1.96
CA ASN B 179 9.36 7.46 -1.41
C ASN B 179 8.56 8.42 -0.58
N ALA B 180 7.51 7.95 0.06
CA ALA B 180 6.74 8.83 0.86
C ALA B 180 5.79 8.21 1.84
N ARG B 181 5.94 6.93 2.20
CA ARG B 181 5.08 6.23 3.20
C ARG B 181 5.53 4.72 3.50
N GLN B 182 5.35 3.81 2.52
CA GLN B 182 5.74 2.36 2.56
C GLN B 182 6.63 2.17 1.35
N ASN B 183 7.93 2.24 1.56
CA ASN B 183 8.87 2.16 0.45
C ASN B 183 8.62 1.27 -0.78
N VAL B 184 9.62 1.28 -1.68
CA VAL B 184 9.68 0.47 -2.89
C VAL B 184 11.17 -0.07 -3.23
N ILE B 185 11.62 0.11 -4.49
CA ILE B 185 12.92 -0.33 -5.11
C ILE B 185 12.58 -0.49 -6.64
N ALA B 186 12.52 0.65 -7.33
CA ALA B 186 12.06 0.75 -8.72
C ALA B 186 13.00 1.06 -9.81
N GLU B 187 12.40 1.04 -10.99
CA GLU B 187 13.07 1.27 -12.24
C GLU B 187 12.32 2.42 -12.88
N ALA B 188 13.04 3.38 -13.50
CA ALA B 188 12.41 4.55 -14.11
C ALA B 188 12.79 4.85 -15.54
N ARG B 189 11.82 5.10 -16.36
CA ARG B 189 12.15 5.38 -17.74
C ARG B 189 12.09 6.89 -17.75
N ALA B 190 12.81 7.57 -18.67
CA ALA B 190 12.72 9.04 -18.78
C ALA B 190 12.69 9.51 -20.18
N LYS B 191 11.55 10.07 -20.55
CA LYS B 191 11.21 10.58 -21.89
C LYS B 191 11.26 12.12 -21.92
N MET B 192 11.33 12.67 -23.14
CA MET B 192 11.45 14.12 -23.39
C MET B 192 10.59 14.67 -24.56
N ARG B 193 9.91 15.80 -24.35
CA ARG B 193 9.05 16.41 -25.38
C ARG B 193 9.41 17.82 -25.90
N LEU B 194 9.49 17.99 -27.21
CA LEU B 194 9.74 19.30 -27.79
C LEU B 194 8.83 19.47 -29.04
N MET B 195 9.14 20.45 -29.90
CA MET B 195 8.33 20.69 -31.11
C MET B 195 8.62 22.07 -31.69
N LEU B 206 4.17 17.07 -32.65
CA LEU B 206 4.94 16.92 -31.40
C LEU B 206 5.64 15.55 -31.34
N MET B 207 6.98 15.58 -31.29
CA MET B 207 7.75 14.34 -31.26
C MET B 207 8.36 14.07 -29.86
N LYS B 208 7.99 12.95 -29.22
CA LYS B 208 8.47 12.52 -27.90
C LYS B 208 9.75 11.74 -27.96
N ILE B 209 10.87 12.44 -27.83
CA ILE B 209 12.18 11.84 -27.93
C ILE B 209 12.66 10.96 -26.73
N HIS B 210 13.18 9.79 -27.10
CA HIS B 210 13.70 8.74 -26.20
C HIS B 210 15.00 9.19 -25.57
N ASP B 211 14.91 9.83 -24.42
CA ASP B 211 16.10 10.30 -23.70
C ASP B 211 16.62 9.18 -22.82
N LEU B 212 17.90 8.81 -22.97
CA LEU B 212 18.52 7.70 -22.23
C LEU B 212 18.10 7.45 -20.80
N LYS B 213 16.79 7.48 -20.57
CA LYS B 213 16.12 7.28 -19.25
C LYS B 213 16.88 8.09 -18.21
N LEU B 214 16.20 9.12 -17.66
CA LEU B 214 16.75 10.04 -16.66
C LEU B 214 17.19 9.14 -15.54
N VAL B 215 17.76 8.04 -16.00
CA VAL B 215 18.27 6.96 -15.22
C VAL B 215 19.49 6.50 -16.00
N ARG B 216 19.60 7.04 -17.22
CA ARG B 216 20.66 6.80 -18.16
C ARG B 216 21.92 6.23 -17.52
N ASN B 217 22.13 6.52 -16.25
CA ASN B 217 23.28 6.00 -15.61
C ASN B 217 22.90 4.73 -14.93
N GLU B 218 21.73 4.73 -14.31
CA GLU B 218 21.22 3.55 -13.64
C GLU B 218 19.73 3.59 -13.96
N HIS B 219 19.20 2.57 -14.66
CA HIS B 219 17.78 2.52 -14.97
C HIS B 219 16.95 2.20 -13.74
N PRO B 220 17.58 1.63 -12.70
CA PRO B 220 16.96 1.27 -11.41
C PRO B 220 17.59 1.94 -10.18
N ILE B 221 17.73 1.15 -9.10
CA ILE B 221 18.38 1.62 -7.86
C ILE B 221 17.74 0.86 -6.68
N PHE B 222 18.27 1.09 -5.49
CA PHE B 222 17.78 0.52 -4.19
C PHE B 222 17.06 1.73 -3.38
N LEU B 223 16.06 2.30 -4.09
CA LEU B 223 15.23 3.44 -3.69
C LEU B 223 14.86 3.57 -2.23
N LEU B 224 15.41 4.65 -1.69
CA LEU B 224 15.28 5.23 -0.33
C LEU B 224 16.26 6.44 -0.49
N GLY B 225 15.86 7.27 -1.47
CA GLY B 225 16.55 8.47 -1.92
C GLY B 225 17.04 8.25 -3.36
N TRP B 226 16.36 8.72 -4.40
CA TRP B 226 16.90 8.49 -5.74
C TRP B 226 17.14 9.76 -6.48
N ASN B 227 18.33 9.86 -7.12
CA ASN B 227 18.79 11.03 -7.89
C ASN B 227 18.99 10.72 -9.36
N MET B 228 17.90 10.68 -10.16
CA MET B 228 17.94 10.31 -11.62
C MET B 228 18.64 11.25 -12.52
N MET B 229 19.60 10.79 -13.29
CA MET B 229 20.30 11.74 -14.10
C MET B 229 20.79 11.26 -15.39
N HIS B 230 21.06 12.21 -16.28
CA HIS B 230 21.49 11.87 -17.61
C HIS B 230 22.43 12.79 -18.33
N VAL B 231 23.49 12.21 -18.86
CA VAL B 231 24.53 12.92 -19.58
C VAL B 231 24.00 13.53 -20.82
N ILE B 232 24.39 14.77 -21.12
CA ILE B 232 23.88 15.43 -22.31
C ILE B 232 24.83 15.42 -23.53
N ASP B 233 25.65 14.38 -23.65
CA ASP B 233 26.55 14.33 -24.80
C ASP B 233 25.82 14.21 -26.12
N GLU B 234 26.60 14.13 -27.19
CA GLU B 234 26.08 14.00 -28.55
C GLU B 234 24.89 13.06 -28.61
N SER B 235 25.14 11.79 -28.32
CA SER B 235 24.09 10.79 -28.33
C SER B 235 22.73 11.36 -27.92
N SER B 236 22.74 12.17 -26.87
CA SER B 236 21.53 12.75 -26.32
C SER B 236 20.84 13.81 -27.16
N PRO B 237 19.49 13.81 -27.17
CA PRO B 237 18.62 14.74 -27.90
C PRO B 237 18.50 16.12 -27.21
N LEU B 238 19.03 16.23 -26.01
CA LEU B 238 18.96 17.51 -25.36
C LEU B 238 20.30 18.19 -25.56
N PHE B 239 21.02 17.74 -26.60
CA PHE B 239 22.32 18.32 -26.93
C PHE B 239 22.08 19.78 -27.24
N GLY B 240 23.13 20.49 -27.60
CA GLY B 240 22.99 21.90 -27.92
C GLY B 240 21.56 22.41 -27.99
N GLU B 241 20.99 22.67 -26.82
CA GLU B 241 19.65 23.20 -26.78
C GLU B 241 19.77 24.13 -25.61
N THR B 242 19.25 25.35 -25.75
CA THR B 242 19.36 26.34 -24.69
C THR B 242 18.04 26.60 -24.06
N PRO B 243 18.06 27.22 -22.87
CA PRO B 243 16.81 27.53 -22.17
C PRO B 243 15.86 28.23 -23.13
N GLU B 244 16.45 28.87 -24.13
CA GLU B 244 15.71 29.61 -25.14
C GLU B 244 15.25 28.64 -26.21
N SER B 245 16.09 27.64 -26.44
CA SER B 245 15.82 26.61 -27.44
C SER B 245 14.59 25.81 -27.02
N LEU B 246 14.63 25.29 -25.81
CA LEU B 246 13.50 24.52 -25.29
C LEU B 246 12.24 25.39 -25.36
N ALA B 247 12.17 26.38 -24.48
CA ALA B 247 11.06 27.31 -24.37
C ALA B 247 10.17 27.42 -25.59
N GLU B 248 10.78 27.53 -26.76
CA GLU B 248 10.01 27.64 -27.97
C GLU B 248 9.37 26.33 -28.42
N GLY B 249 9.97 25.19 -28.04
CA GLY B 249 9.43 23.89 -28.42
C GLY B 249 8.49 23.27 -27.39
N ARG B 250 7.95 24.10 -26.52
CA ARG B 250 7.06 23.66 -25.45
C ARG B 250 7.74 22.48 -24.72
N ALA B 251 9.05 22.37 -24.90
CA ALA B 251 9.86 21.31 -24.29
C ALA B 251 9.35 20.87 -22.94
N MET B 252 9.30 19.56 -22.75
CA MET B 252 8.89 18.93 -21.49
C MET B 252 9.74 17.70 -21.10
N LEU B 253 10.03 17.62 -19.81
CA LEU B 253 10.82 16.55 -19.27
C LEU B 253 9.75 15.67 -18.63
N LEU B 254 9.65 14.41 -19.09
CA LEU B 254 8.67 13.47 -18.53
C LEU B 254 9.37 12.30 -17.86
N VAL B 255 8.98 11.98 -16.63
CA VAL B 255 9.62 10.87 -15.91
C VAL B 255 8.60 9.94 -15.24
N MET B 256 8.92 8.65 -15.18
CA MET B 256 8.06 7.67 -14.51
C MET B 256 8.89 6.57 -13.95
N ILE B 257 8.72 6.41 -12.65
CA ILE B 257 9.39 5.43 -11.84
C ILE B 257 8.32 4.37 -11.70
N GLU B 258 8.71 3.10 -11.61
CA GLU B 258 7.80 1.94 -11.47
C GLU B 258 8.51 0.95 -10.56
N GLY B 259 7.81 0.48 -9.54
CA GLY B 259 8.40 -0.48 -8.60
C GLY B 259 7.34 -1.28 -7.84
N SER B 260 7.70 -2.39 -7.22
CA SER B 260 6.62 -3.10 -6.56
C SER B 260 6.65 -2.91 -5.08
N ASP B 261 5.49 -2.84 -4.47
CA ASP B 261 5.43 -2.67 -3.04
C ASP B 261 5.51 -4.03 -2.43
N GLU B 262 6.68 -4.38 -1.90
CA GLU B 262 6.92 -5.71 -1.29
C GLU B 262 5.83 -6.10 -0.31
N THR B 263 5.24 -5.10 0.34
CA THR B 263 4.19 -5.30 1.32
C THR B 263 2.87 -5.75 0.75
N THR B 264 2.61 -5.47 -0.54
CA THR B 264 1.35 -5.88 -1.18
C THR B 264 1.60 -6.38 -2.57
N ALA B 265 2.85 -6.35 -2.93
CA ALA B 265 3.28 -6.82 -4.21
C ALA B 265 2.60 -6.16 -5.38
N GLN B 266 1.89 -5.06 -5.11
CA GLN B 266 1.25 -4.35 -6.20
C GLN B 266 2.36 -3.56 -6.86
N VAL B 267 2.35 -3.43 -8.19
CA VAL B 267 3.41 -2.68 -8.83
C VAL B 267 2.78 -1.37 -9.12
N MET B 268 3.18 -0.35 -8.40
CA MET B 268 2.57 0.94 -8.56
C MET B 268 3.53 1.90 -9.15
N GLN B 269 3.12 2.52 -10.25
CA GLN B 269 3.94 3.50 -10.94
C GLN B 269 3.40 4.91 -10.82
N ALA B 270 4.30 5.88 -10.77
CA ALA B 270 3.89 7.25 -10.70
C ALA B 270 4.69 7.98 -11.73
N ARG B 271 4.10 9.08 -12.20
CA ARG B 271 4.71 9.88 -13.24
C ARG B 271 4.83 11.32 -12.80
N HIS B 272 5.62 12.09 -13.54
CA HIS B 272 5.83 13.49 -13.23
C HIS B 272 6.41 14.28 -14.39
N ALA B 273 5.83 15.45 -14.64
CA ALA B 273 6.27 16.30 -15.74
C ALA B 273 6.87 17.68 -15.37
N TRP B 274 7.96 18.04 -16.02
CA TRP B 274 8.62 19.30 -15.78
C TRP B 274 8.45 20.23 -16.96
N GLU B 275 8.05 21.48 -16.73
CA GLU B 275 7.91 22.42 -17.85
C GLU B 275 9.28 23.02 -18.07
N HIS B 276 9.71 23.11 -19.33
CA HIS B 276 11.04 23.63 -19.68
C HIS B 276 11.62 24.71 -18.73
N ASP B 277 10.79 25.68 -18.35
CA ASP B 277 11.23 26.73 -17.48
C ASP B 277 11.40 26.21 -16.06
N ASP B 278 11.17 24.92 -15.86
CA ASP B 278 11.32 24.33 -14.54
C ASP B 278 12.68 23.71 -14.40
N ILE B 279 13.30 23.32 -15.50
CA ILE B 279 14.64 22.76 -15.46
C ILE B 279 15.52 23.93 -15.08
N ARG B 280 15.91 24.07 -13.82
CA ARG B 280 16.76 25.20 -13.44
C ARG B 280 18.21 24.90 -13.70
N TRP B 281 18.81 25.71 -14.58
CA TRP B 281 20.21 25.55 -15.03
C TRP B 281 21.37 25.84 -14.10
N HIS B 282 22.51 25.26 -14.44
CA HIS B 282 23.73 25.42 -13.68
C HIS B 282 23.58 25.41 -12.15
N HIS B 283 22.70 24.54 -11.66
CA HIS B 283 22.49 24.38 -10.21
C HIS B 283 22.81 22.96 -9.71
N ARG B 284 22.21 22.67 -8.57
CA ARG B 284 22.34 21.38 -7.92
C ARG B 284 21.29 21.29 -6.82
N TYR B 285 21.17 20.12 -6.23
CA TYR B 285 20.18 19.95 -5.19
C TYR B 285 20.87 20.11 -3.86
N VAL B 286 20.25 20.88 -2.98
CA VAL B 286 20.85 21.04 -1.68
C VAL B 286 21.02 19.63 -1.16
N ASP B 287 22.15 19.32 -0.56
CA ASP B 287 22.32 17.98 0.00
C ASP B 287 21.24 17.74 1.05
N LEU B 288 20.90 16.48 1.30
CA LEU B 288 19.82 16.18 2.23
C LEU B 288 20.15 15.32 3.43
N MET B 289 21.27 14.59 3.38
CA MET B 289 21.66 13.74 4.52
C MET B 289 22.65 14.47 5.48
N THR B 296 22.96 7.39 9.07
CA THR B 296 22.77 8.72 8.49
C THR B 296 21.28 8.84 8.19
N HIS B 297 20.99 10.03 8.00
CA HIS B 297 19.62 10.52 7.88
C HIS B 297 19.48 11.51 6.74
N ILE B 298 18.24 11.41 6.23
CA ILE B 298 17.75 12.32 5.20
C ILE B 298 16.58 13.16 5.76
N ASP B 299 16.68 14.46 5.67
CA ASP B 299 15.59 15.34 6.02
C ASP B 299 14.94 15.93 4.79
N TYR B 300 13.79 15.46 4.53
CA TYR B 300 13.16 15.80 3.24
C TYR B 300 12.67 17.23 3.18
N THR B 301 12.48 17.82 4.36
CA THR B 301 12.01 19.19 4.47
C THR B 301 12.64 19.99 3.36
N ARG B 302 13.94 19.78 3.13
CA ARG B 302 14.58 20.55 2.12
C ARG B 302 14.78 19.82 0.79
N PHE B 303 13.98 18.79 0.58
CA PHE B 303 14.04 17.95 -0.62
C PHE B 303 14.06 18.68 -1.96
N ASN B 304 13.20 19.69 -2.07
CA ASN B 304 13.04 20.49 -3.29
C ASN B 304 14.04 21.61 -3.59
N ASP B 305 14.54 22.27 -2.57
CA ASP B 305 15.46 23.37 -2.76
C ASP B 305 16.71 23.08 -3.56
N THR B 306 17.30 24.14 -4.10
CA THR B 306 18.55 24.03 -4.86
C THR B 306 19.35 25.34 -4.67
N GLU B 307 20.61 25.32 -5.15
CA GLU B 307 21.55 26.45 -5.05
C GLU B 307 22.51 26.37 -6.20
N PRO B 308 22.71 27.46 -6.92
CA PRO B 308 23.66 27.33 -8.03
C PRO B 308 25.04 26.86 -7.64
N VAL B 309 25.90 26.71 -8.63
CA VAL B 309 27.28 26.25 -8.41
C VAL B 309 28.33 27.28 -8.94
K K C . -29.67 -10.54 13.18
K K D . -32.73 -10.80 15.60
K K E . -39.54 -11.37 20.97
K K F . -35.40 -11.02 17.70
#